data_1P9B
#
_entry.id   1P9B
#
_cell.length_a   91.579
_cell.length_b   117.117
_cell.length_c   80.416
_cell.angle_alpha   90.00
_cell.angle_beta   90.00
_cell.angle_gamma   90.00
#
_symmetry.space_group_name_H-M   'C 2 2 21'
#
loop_
_entity.id
_entity.type
_entity.pdbx_description
1 polymer 'Adenylosuccinate Synthetase'
2 non-polymer 'MAGNESIUM ION'
3 non-polymer 'NITRATE ION'
4 non-polymer '6-O-PHOSPHORYL INOSINE MONOPHOSPHATE'
5 non-polymer HADACIDIN
6 non-polymer "GUANOSINE-5'-DIPHOSPHATE"
7 water water
#
_entity_poly.entity_id   1
_entity_poly.type   'polypeptide(L)'
_entity_poly.pdbx_seq_one_letter_code
;MAIFDHQIKNVDKGNVVAILGAQWGDEGKGKIIDMLSEYSDITCRFNGGANAGHTISVNDKKYALHLLPCGVLYDNNISV
LGNGMVIHVKSLMEEIESVGGKLLDRLYLSNKAHILFDIHQIIDSIQETKKLKEGKQIGTTKRGIGPCYSTKASRIGIRL
GTLKNFENFKNMYSKLIDHLMDLYNITEYDKEKELNLFYNYHIKLRDRIVDVISFMNTNLENNKKVLIEGANAAMLDIDF
GTYPYVTSSCTTVGGVFSGLGIHHKKLNLVVGVVKSYLTRVGCGPFLTELNNDVGQYLREKGHEYGTTTKRPRRCGWLDI
PMLLYVKCINSIDMINLTKLDVLSGLEEILLCVNFKNKKTGELLEKGCYPVEEEISEEYEPVYEKFSGWKEDISTCNEFD
ELPENAKKYILAIEKYLKTPIVWIGVGPNRKNMIVKKNFNLN
;
_entity_poly.pdbx_strand_id   A
#
loop_
_chem_comp.id
_chem_comp.type
_chem_comp.name
_chem_comp.formula
GDP RNA linking GUANOSINE-5'-DIPHOSPHATE 'C10 H15 N5 O11 P2'
HDA non-polymer HADACIDIN 'C3 H5 N O4'
IMO non-polymer '6-O-PHOSPHORYL INOSINE MONOPHOSPHATE' 'C10 H14 N4 O11 P2'
MG non-polymer 'MAGNESIUM ION' 'Mg 2'
NO3 non-polymer 'NITRATE ION' 'N O3 -1'
#
# COMPACT_ATOMS: atom_id res chain seq x y z
N GLY A 14 -18.69 12.12 0.45
CA GLY A 14 -18.26 10.69 0.52
C GLY A 14 -18.49 9.93 -0.77
N ASN A 15 -18.51 10.65 -1.89
CA ASN A 15 -18.71 10.05 -3.20
C ASN A 15 -17.38 9.58 -3.80
N VAL A 16 -16.32 10.30 -3.45
CA VAL A 16 -14.98 9.98 -3.93
C VAL A 16 -14.09 9.90 -2.70
N VAL A 17 -13.77 8.67 -2.28
CA VAL A 17 -12.96 8.44 -1.09
C VAL A 17 -11.62 7.78 -1.39
N ALA A 18 -10.56 8.30 -0.76
CA ALA A 18 -9.22 7.77 -0.93
C ALA A 18 -8.79 7.06 0.36
N ILE A 19 -8.31 5.84 0.24
CA ILE A 19 -7.84 5.08 1.40
C ILE A 19 -6.32 5.04 1.31
N LEU A 20 -5.66 5.74 2.23
CA LEU A 20 -4.21 5.83 2.24
C LEU A 20 -3.55 5.37 3.54
N GLY A 21 -2.60 4.44 3.41
CA GLY A 21 -1.89 3.95 4.57
C GLY A 21 -1.03 5.08 5.09
N ALA A 22 -1.00 5.26 6.41
CA ALA A 22 -0.24 6.35 7.00
C ALA A 22 1.11 5.94 7.58
N GLN A 23 1.47 4.67 7.44
CA GLN A 23 2.74 4.19 8.00
C GLN A 23 3.66 3.52 6.94
N TRP A 24 4.06 2.28 7.18
CA TRP A 24 4.93 1.59 6.21
C TRP A 24 4.20 0.41 5.56
N GLY A 25 2.93 0.63 5.22
CA GLY A 25 2.12 -0.39 4.58
C GLY A 25 1.52 -1.43 5.50
N ASP A 26 0.72 -2.31 4.91
CA ASP A 26 0.08 -3.39 5.65
C ASP A 26 -0.75 -2.92 6.83
N GLU A 27 -1.38 -1.75 6.68
CA GLU A 27 -2.19 -1.21 7.76
C GLU A 27 -3.60 -1.82 7.78
N GLY A 28 -3.98 -2.49 6.70
CA GLY A 28 -5.29 -3.09 6.60
C GLY A 28 -6.13 -2.43 5.52
N LYS A 29 -5.46 -1.94 4.48
CA LYS A 29 -6.14 -1.25 3.38
C LYS A 29 -7.09 -2.14 2.58
N GLY A 30 -6.64 -3.33 2.23
CA GLY A 30 -7.49 -4.25 1.48
C GLY A 30 -8.78 -4.54 2.22
N LYS A 31 -8.69 -4.65 3.54
CA LYS A 31 -9.88 -4.93 4.35
C LYS A 31 -10.92 -3.83 4.29
N ILE A 32 -10.51 -2.59 4.48
CA ILE A 32 -11.48 -1.50 4.45
C ILE A 32 -11.99 -1.27 3.03
N ILE A 33 -11.14 -1.51 2.02
CA ILE A 33 -11.56 -1.35 0.64
C ILE A 33 -12.68 -2.35 0.36
N ASP A 34 -12.46 -3.62 0.72
CA ASP A 34 -13.48 -4.65 0.52
C ASP A 34 -14.77 -4.26 1.24
N MET A 35 -14.63 -3.80 2.47
CA MET A 35 -15.78 -3.40 3.27
C MET A 35 -16.54 -2.27 2.59
N LEU A 36 -15.85 -1.17 2.31
CA LEU A 36 -16.48 -0.02 1.67
C LEU A 36 -16.93 -0.27 0.24
N SER A 37 -16.37 -1.28 -0.42
CA SER A 37 -16.74 -1.59 -1.80
C SER A 37 -18.17 -2.10 -1.92
N GLU A 38 -18.79 -2.39 -0.78
CA GLU A 38 -20.17 -2.87 -0.79
C GLU A 38 -21.07 -1.75 -1.29
N TYR A 39 -20.67 -0.51 -1.02
CA TYR A 39 -21.45 0.65 -1.43
C TYR A 39 -20.78 1.56 -2.45
N SER A 40 -19.76 1.04 -3.12
CA SER A 40 -19.05 1.81 -4.13
C SER A 40 -19.31 1.24 -5.52
N ASP A 41 -19.19 2.08 -6.54
CA ASP A 41 -19.39 1.65 -7.92
C ASP A 41 -18.05 1.26 -8.54
N ILE A 42 -17.03 2.10 -8.30
CA ILE A 42 -15.70 1.87 -8.85
C ILE A 42 -14.62 1.87 -7.77
N THR A 43 -13.67 0.95 -7.89
CA THR A 43 -12.55 0.87 -6.96
C THR A 43 -11.28 0.95 -7.81
N CYS A 44 -10.41 1.90 -7.50
CA CYS A 44 -9.20 2.09 -8.30
C CYS A 44 -7.86 1.99 -7.59
N ARG A 45 -6.87 1.45 -8.29
CA ARG A 45 -5.50 1.36 -7.82
C ARG A 45 -4.85 2.47 -8.65
N PHE A 46 -3.88 3.18 -8.10
CA PHE A 46 -3.27 4.28 -8.85
C PHE A 46 -1.75 4.37 -8.76
N ASN A 47 -1.14 3.59 -7.87
CA ASN A 47 0.32 3.64 -7.73
C ASN A 47 0.94 2.28 -7.49
N GLY A 48 2.27 2.22 -7.57
CA GLY A 48 2.98 0.98 -7.35
C GLY A 48 2.52 -0.14 -8.27
N GLY A 49 2.71 -1.37 -7.82
CA GLY A 49 2.31 -2.51 -8.62
C GLY A 49 2.10 -3.72 -7.73
N ALA A 50 2.66 -4.86 -8.14
CA ALA A 50 2.50 -6.08 -7.36
C ALA A 50 3.35 -6.19 -6.11
N ASN A 51 4.04 -5.11 -5.75
CA ASN A 51 4.81 -5.15 -4.51
C ASN A 51 3.75 -5.11 -3.40
N ALA A 52 2.64 -4.46 -3.74
CA ALA A 52 1.51 -4.35 -2.81
C ALA A 52 0.89 -5.72 -2.59
N GLY A 53 0.43 -5.95 -1.37
CA GLY A 53 -0.21 -7.21 -1.03
C GLY A 53 -1.40 -6.86 -0.15
N HIS A 54 -2.60 -6.85 -0.72
CA HIS A 54 -3.77 -6.47 0.06
C HIS A 54 -4.71 -7.64 0.36
N THR A 55 -4.79 -7.97 1.64
CA THR A 55 -5.58 -9.09 2.12
C THR A 55 -7.03 -8.81 2.46
N ILE A 56 -7.92 -9.62 1.90
CA ILE A 56 -9.35 -9.54 2.15
C ILE A 56 -9.71 -10.83 2.90
N SER A 57 -10.62 -10.75 3.86
CA SER A 57 -11.03 -11.94 4.59
C SER A 57 -12.53 -11.91 4.85
N VAL A 58 -13.21 -12.96 4.41
CA VAL A 58 -14.64 -13.08 4.60
C VAL A 58 -14.90 -14.45 5.21
N ASN A 59 -15.51 -14.46 6.39
CA ASN A 59 -15.78 -15.71 7.09
C ASN A 59 -14.49 -16.53 7.20
N ASP A 60 -13.38 -15.82 7.44
CA ASP A 60 -12.07 -16.43 7.59
C ASP A 60 -11.41 -16.96 6.33
N LYS A 61 -12.08 -16.81 5.18
CA LYS A 61 -11.48 -17.25 3.93
C LYS A 61 -10.73 -16.03 3.38
N LYS A 62 -9.41 -16.12 3.36
CA LYS A 62 -8.60 -15.00 2.89
C LYS A 62 -8.30 -14.97 1.40
N TYR A 63 -8.25 -13.75 0.87
CA TYR A 63 -7.95 -13.50 -0.54
C TYR A 63 -6.90 -12.40 -0.57
N ALA A 64 -5.85 -12.59 -1.35
CA ALA A 64 -4.82 -11.57 -1.43
C ALA A 64 -4.67 -11.04 -2.86
N LEU A 65 -4.80 -9.73 -3.01
CA LEU A 65 -4.67 -9.06 -4.31
C LEU A 65 -3.39 -8.24 -4.34
N HIS A 66 -2.77 -8.17 -5.52
CA HIS A 66 -1.51 -7.42 -5.70
C HIS A 66 -1.64 -6.35 -6.77
N LEU A 67 -2.53 -6.56 -7.74
CA LEU A 67 -2.72 -5.60 -8.81
C LEU A 67 -4.16 -5.17 -9.00
N LEU A 68 -5.09 -6.12 -8.91
CA LEU A 68 -6.51 -5.81 -9.04
C LEU A 68 -6.97 -5.15 -7.74
N PRO A 69 -7.93 -4.20 -7.82
CA PRO A 69 -8.42 -3.55 -6.60
C PRO A 69 -9.18 -4.55 -5.75
N CYS A 70 -9.35 -4.23 -4.47
CA CYS A 70 -10.03 -5.12 -3.53
C CYS A 70 -11.55 -5.02 -3.51
N GLY A 71 -12.13 -4.65 -4.63
CA GLY A 71 -13.58 -4.56 -4.70
C GLY A 71 -14.08 -5.69 -5.58
N VAL A 72 -13.14 -6.54 -6.00
CA VAL A 72 -13.44 -7.66 -6.88
C VAL A 72 -14.43 -8.72 -6.39
N LEU A 73 -14.67 -8.79 -5.09
CA LEU A 73 -15.60 -9.79 -4.58
C LEU A 73 -17.07 -9.45 -4.86
N TYR A 74 -17.33 -8.25 -5.36
CA TYR A 74 -18.70 -7.84 -5.66
C TYR A 74 -18.96 -7.92 -7.17
N ASP A 75 -19.91 -8.79 -7.55
CA ASP A 75 -20.24 -9.01 -8.95
C ASP A 75 -20.54 -7.75 -9.76
N ASN A 76 -20.86 -6.65 -9.09
CA ASN A 76 -21.19 -5.42 -9.77
C ASN A 76 -20.08 -4.36 -9.75
N ASN A 77 -19.09 -4.57 -8.89
CA ASN A 77 -17.99 -3.62 -8.79
C ASN A 77 -17.11 -3.54 -10.04
N ILE A 78 -16.67 -2.32 -10.36
CA ILE A 78 -15.81 -2.06 -11.51
C ILE A 78 -14.40 -1.81 -11.01
N SER A 79 -13.43 -2.53 -11.57
CA SER A 79 -12.03 -2.38 -11.19
C SER A 79 -11.28 -1.47 -12.17
N VAL A 80 -10.51 -0.55 -11.62
CA VAL A 80 -9.74 0.39 -12.44
C VAL A 80 -8.28 0.44 -12.03
N LEU A 81 -7.38 0.31 -13.01
CA LEU A 81 -5.95 0.40 -12.74
C LEU A 81 -5.50 1.69 -13.41
N GLY A 82 -5.10 2.66 -12.60
CA GLY A 82 -4.67 3.95 -13.11
C GLY A 82 -3.37 4.02 -13.86
N ASN A 83 -3.14 5.17 -14.49
CA ASN A 83 -1.94 5.41 -15.27
C ASN A 83 -0.64 5.39 -14.45
N GLY A 84 -0.74 5.69 -13.16
CA GLY A 84 0.44 5.73 -12.33
C GLY A 84 1.04 4.41 -11.87
N MET A 85 0.50 3.30 -12.35
CA MET A 85 0.99 1.99 -11.94
C MET A 85 2.06 1.39 -12.84
N VAL A 86 2.80 0.42 -12.30
CA VAL A 86 3.80 -0.33 -13.04
C VAL A 86 3.21 -1.73 -12.90
N ILE A 87 2.63 -2.22 -14.00
CA ILE A 87 1.93 -3.50 -14.00
C ILE A 87 2.64 -4.72 -14.56
N HIS A 88 2.84 -5.72 -13.69
CA HIS A 88 3.44 -6.97 -14.11
C HIS A 88 2.25 -7.70 -14.73
N VAL A 89 2.08 -7.53 -16.03
CA VAL A 89 0.95 -8.13 -16.73
C VAL A 89 0.78 -9.62 -16.45
N LYS A 90 1.89 -10.35 -16.33
CA LYS A 90 1.81 -11.78 -16.05
C LYS A 90 0.99 -12.01 -14.78
N SER A 91 1.33 -11.27 -13.72
CA SER A 91 0.62 -11.41 -12.45
C SER A 91 -0.83 -10.94 -12.60
N LEU A 92 -1.03 -9.86 -13.35
CA LEU A 92 -2.38 -9.34 -13.56
C LEU A 92 -3.28 -10.42 -14.16
N MET A 93 -2.81 -11.06 -15.24
CA MET A 93 -3.58 -12.11 -15.89
C MET A 93 -3.98 -13.21 -14.91
N GLU A 94 -3.03 -13.60 -14.06
CA GLU A 94 -3.29 -14.65 -13.07
C GLU A 94 -4.41 -14.26 -12.12
N GLU A 95 -4.38 -13.03 -11.62
CA GLU A 95 -5.40 -12.58 -10.70
C GLU A 95 -6.75 -12.46 -11.39
N ILE A 96 -6.74 -12.04 -12.65
CA ILE A 96 -7.97 -11.90 -13.40
C ILE A 96 -8.67 -13.26 -13.53
N GLU A 97 -7.90 -14.25 -13.94
CA GLU A 97 -8.43 -15.60 -14.12
C GLU A 97 -8.81 -16.23 -12.78
N SER A 98 -8.12 -15.83 -11.72
CA SER A 98 -8.42 -16.36 -10.39
C SER A 98 -9.77 -15.84 -9.93
N VAL A 99 -10.06 -14.57 -10.22
CA VAL A 99 -11.33 -13.98 -9.84
C VAL A 99 -12.43 -14.64 -10.69
N GLY A 100 -12.17 -14.77 -11.98
CA GLY A 100 -13.13 -15.39 -12.87
C GLY A 100 -14.39 -14.58 -13.09
N GLY A 101 -15.49 -15.29 -13.35
CA GLY A 101 -16.75 -14.61 -13.60
C GLY A 101 -16.63 -13.75 -14.83
N LYS A 102 -17.29 -12.59 -14.81
CA LYS A 102 -17.24 -11.68 -15.95
C LYS A 102 -16.45 -10.44 -15.55
N LEU A 103 -15.41 -10.63 -14.74
CA LEU A 103 -14.57 -9.52 -14.28
C LEU A 103 -14.07 -8.65 -15.44
N LEU A 104 -13.69 -9.28 -16.55
CA LEU A 104 -13.20 -8.51 -17.69
C LEU A 104 -14.16 -7.45 -18.19
N ASP A 105 -15.46 -7.74 -18.17
CA ASP A 105 -16.47 -6.78 -18.62
C ASP A 105 -16.54 -5.55 -17.74
N ARG A 106 -15.85 -5.59 -16.61
CA ARG A 106 -15.85 -4.44 -15.70
C ARG A 106 -14.44 -4.13 -15.21
N LEU A 107 -13.48 -4.36 -16.10
CA LEU A 107 -12.07 -4.11 -15.83
C LEU A 107 -11.64 -3.00 -16.79
N TYR A 108 -11.03 -1.95 -16.24
CA TYR A 108 -10.55 -0.84 -17.05
C TYR A 108 -9.09 -0.58 -16.75
N LEU A 109 -8.23 -0.96 -17.69
CA LEU A 109 -6.79 -0.80 -17.56
C LEU A 109 -6.31 0.44 -18.31
N SER A 110 -5.66 1.35 -17.59
CA SER A 110 -5.16 2.58 -18.17
C SER A 110 -4.20 2.30 -19.33
N ASN A 111 -4.43 2.95 -20.46
CA ASN A 111 -3.56 2.75 -21.61
C ASN A 111 -2.26 3.52 -21.41
N LYS A 112 -2.17 4.23 -20.28
CA LYS A 112 -0.96 5.01 -19.96
C LYS A 112 -0.09 4.34 -18.92
N ALA A 113 -0.60 3.28 -18.29
CA ALA A 113 0.16 2.57 -17.28
C ALA A 113 1.36 1.87 -17.89
N HIS A 114 2.45 1.76 -17.13
CA HIS A 114 3.65 1.11 -17.62
C HIS A 114 3.66 -0.40 -17.42
N ILE A 115 4.18 -1.11 -18.42
CA ILE A 115 4.25 -2.56 -18.38
C ILE A 115 5.53 -2.98 -17.66
N LEU A 116 5.39 -3.85 -16.67
CA LEU A 116 6.54 -4.33 -15.92
C LEU A 116 6.85 -5.73 -16.43
N PHE A 117 8.02 -5.88 -17.05
CA PHE A 117 8.45 -7.16 -17.60
C PHE A 117 9.29 -7.93 -16.59
N ASP A 118 9.54 -9.21 -16.88
CA ASP A 118 10.31 -10.05 -15.99
C ASP A 118 11.72 -9.47 -15.80
N ILE A 119 12.26 -8.85 -16.85
CA ILE A 119 13.59 -8.29 -16.76
C ILE A 119 13.66 -7.16 -15.73
N HIS A 120 12.52 -6.50 -15.47
CA HIS A 120 12.51 -5.44 -14.46
C HIS A 120 12.78 -6.07 -13.11
N GLN A 121 12.23 -7.27 -12.90
CA GLN A 121 12.44 -7.99 -11.64
C GLN A 121 13.90 -8.43 -11.55
N ILE A 122 14.46 -8.88 -12.66
CA ILE A 122 15.85 -9.32 -12.68
C ILE A 122 16.77 -8.17 -12.24
N ILE A 123 16.58 -7.00 -12.83
CA ILE A 123 17.38 -5.82 -12.49
C ILE A 123 17.22 -5.47 -11.01
N ASP A 124 15.99 -5.58 -10.51
CA ASP A 124 15.69 -5.29 -9.10
C ASP A 124 16.59 -6.18 -8.24
N SER A 125 16.65 -7.47 -8.56
CA SER A 125 17.48 -8.41 -7.79
C SER A 125 18.97 -8.12 -7.98
N ILE A 126 19.37 -7.77 -9.19
CA ILE A 126 20.78 -7.44 -9.46
C ILE A 126 21.20 -6.27 -8.59
N GLN A 127 20.38 -5.22 -8.57
CA GLN A 127 20.67 -4.03 -7.79
C GLN A 127 20.76 -4.33 -6.30
N GLU A 128 19.82 -5.14 -5.81
CA GLU A 128 19.77 -5.50 -4.41
C GLU A 128 20.95 -6.37 -4.01
N THR A 129 21.34 -7.27 -4.91
CA THR A 129 22.48 -8.16 -4.65
C THR A 129 23.73 -7.31 -4.51
N LYS A 130 23.90 -6.34 -5.39
CA LYS A 130 25.06 -5.46 -5.34
C LYS A 130 25.09 -4.68 -4.04
N LYS A 131 23.95 -4.11 -3.67
CA LYS A 131 23.85 -3.32 -2.44
C LYS A 131 24.05 -4.18 -1.20
N LEU A 132 23.64 -5.44 -1.26
CA LEU A 132 23.79 -6.35 -0.14
C LEU A 132 25.28 -6.47 0.21
N LYS A 133 26.11 -6.62 -0.82
CA LYS A 133 27.54 -6.73 -0.63
C LYS A 133 28.10 -5.43 -0.06
N GLU A 134 27.40 -4.33 -0.31
CA GLU A 134 27.82 -3.02 0.16
C GLU A 134 27.18 -2.74 1.52
N GLY A 135 26.33 -3.66 1.95
CA GLY A 135 25.64 -3.51 3.22
C GLY A 135 24.59 -2.42 3.20
N LYS A 136 24.06 -2.12 2.01
CA LYS A 136 23.03 -1.09 1.92
C LYS A 136 21.81 -1.49 1.09
N GLN A 137 21.48 -2.77 1.14
CA GLN A 137 20.32 -3.24 0.41
C GLN A 137 19.07 -2.55 0.98
N ILE A 138 18.09 -2.31 0.13
CA ILE A 138 16.85 -1.67 0.55
C ILE A 138 15.91 -2.69 1.19
N GLY A 139 15.91 -3.89 0.62
CA GLY A 139 15.03 -4.93 1.09
C GLY A 139 13.74 -4.81 0.29
N THR A 140 13.87 -4.51 -1.01
CA THR A 140 12.70 -4.36 -1.87
C THR A 140 11.97 -5.70 -1.97
N THR A 141 10.75 -5.68 -2.50
CA THR A 141 9.98 -6.92 -2.65
C THR A 141 10.48 -7.73 -3.84
N LYS A 142 11.47 -7.18 -4.54
CA LYS A 142 12.04 -7.85 -5.71
C LYS A 142 10.99 -8.11 -6.78
N ARG A 143 10.02 -7.21 -6.87
CA ARG A 143 8.97 -7.36 -7.86
C ARG A 143 9.24 -6.46 -9.06
N GLY A 144 10.45 -5.91 -9.11
CA GLY A 144 10.86 -5.05 -10.21
C GLY A 144 10.22 -3.67 -10.28
N ILE A 145 9.67 -3.21 -9.16
CA ILE A 145 8.99 -1.92 -9.13
C ILE A 145 9.92 -0.71 -9.37
N GLY A 146 11.03 -0.67 -8.64
CA GLY A 146 11.98 0.43 -8.80
C GLY A 146 12.49 0.55 -10.22
N PRO A 147 12.97 -0.56 -10.80
CA PRO A 147 13.49 -0.52 -12.17
C PRO A 147 12.43 -0.10 -13.20
N CYS A 148 11.16 -0.46 -12.96
CA CYS A 148 10.12 -0.07 -13.91
C CYS A 148 9.86 1.44 -13.85
N TYR A 149 9.90 2.02 -12.65
CA TYR A 149 9.70 3.46 -12.52
C TYR A 149 10.93 4.15 -13.10
N SER A 150 12.08 3.47 -13.05
CA SER A 150 13.31 4.04 -13.61
C SER A 150 13.19 4.11 -15.13
N THR A 151 12.69 3.05 -15.77
CA THR A 151 12.57 3.10 -17.23
C THR A 151 11.46 4.07 -17.64
N LYS A 152 10.55 4.35 -16.72
CA LYS A 152 9.48 5.31 -16.99
C LYS A 152 10.14 6.68 -17.08
N ALA A 153 10.96 6.99 -16.07
CA ALA A 153 11.67 8.26 -16.03
C ALA A 153 12.57 8.42 -17.25
N SER A 154 13.27 7.37 -17.65
CA SER A 154 14.14 7.45 -18.82
C SER A 154 13.29 7.47 -20.09
N ARG A 155 11.99 7.25 -19.92
CA ARG A 155 11.05 7.27 -21.03
C ARG A 155 11.25 6.20 -22.12
N ILE A 156 11.75 5.04 -21.72
CA ILE A 156 11.92 3.95 -22.69
C ILE A 156 10.96 2.83 -22.29
N GLY A 157 10.26 3.03 -21.18
CA GLY A 157 9.30 2.03 -20.75
C GLY A 157 8.17 1.89 -21.75
N ILE A 158 7.60 0.69 -21.83
CA ILE A 158 6.49 0.45 -22.74
C ILE A 158 5.20 0.51 -21.93
N ARG A 159 4.26 1.31 -22.41
CA ARG A 159 2.98 1.48 -21.71
C ARG A 159 1.89 0.58 -22.30
N LEU A 160 0.90 0.25 -21.49
CA LEU A 160 -0.20 -0.64 -21.89
C LEU A 160 -0.84 -0.41 -23.25
N GLY A 161 -1.09 0.86 -23.59
CA GLY A 161 -1.71 1.15 -24.86
C GLY A 161 -1.00 0.48 -26.02
N THR A 162 0.33 0.42 -25.95
CA THR A 162 1.11 -0.18 -27.02
C THR A 162 0.78 -1.66 -27.22
N LEU A 163 0.35 -2.33 -26.15
CA LEU A 163 0.02 -3.74 -26.23
C LEU A 163 -1.21 -4.04 -27.10
N LYS A 164 -2.00 -3.01 -27.40
CA LYS A 164 -3.21 -3.16 -28.22
C LYS A 164 -2.89 -3.52 -29.67
N ASN A 165 -1.69 -3.16 -30.11
CA ASN A 165 -1.23 -3.47 -31.46
C ASN A 165 -0.07 -4.42 -31.25
N PHE A 166 -0.31 -5.71 -31.42
CA PHE A 166 0.76 -6.69 -31.20
C PHE A 166 1.96 -6.53 -32.13
N GLU A 167 1.71 -6.10 -33.37
CA GLU A 167 2.79 -5.94 -34.33
C GLU A 167 3.77 -4.89 -33.82
N ASN A 168 3.24 -3.73 -33.44
CA ASN A 168 4.05 -2.64 -32.94
C ASN A 168 4.69 -3.02 -31.60
N PHE A 169 3.90 -3.67 -30.75
CA PHE A 169 4.38 -4.09 -29.44
C PHE A 169 5.61 -5.00 -29.52
N LYS A 170 5.50 -6.05 -30.33
CA LYS A 170 6.58 -7.01 -30.51
C LYS A 170 7.91 -6.33 -30.84
N ASN A 171 7.84 -5.37 -31.76
CA ASN A 171 9.01 -4.63 -32.19
C ASN A 171 9.58 -3.74 -31.09
N MET A 172 8.71 -3.06 -30.36
CA MET A 172 9.17 -2.19 -29.29
C MET A 172 9.70 -3.02 -28.12
N TYR A 173 9.04 -4.13 -27.86
CA TYR A 173 9.44 -5.04 -26.79
C TYR A 173 10.89 -5.46 -26.98
N SER A 174 11.20 -6.00 -28.16
CA SER A 174 12.53 -6.46 -28.47
C SER A 174 13.61 -5.43 -28.19
N LYS A 175 13.38 -4.20 -28.64
CA LYS A 175 14.34 -3.12 -28.44
C LYS A 175 14.58 -2.74 -26.99
N LEU A 176 13.51 -2.74 -26.17
CA LEU A 176 13.67 -2.39 -24.76
C LEU A 176 14.48 -3.48 -24.07
N ILE A 177 14.10 -4.74 -24.27
CA ILE A 177 14.80 -5.85 -23.65
C ILE A 177 16.27 -5.92 -24.08
N ASP A 178 16.55 -5.78 -25.37
CA ASP A 178 17.94 -5.83 -25.82
C ASP A 178 18.75 -4.71 -25.16
N HIS A 179 18.13 -3.54 -25.05
CA HIS A 179 18.80 -2.40 -24.43
C HIS A 179 19.10 -2.70 -22.96
N LEU A 180 18.11 -3.20 -22.23
CA LEU A 180 18.30 -3.50 -20.82
C LEU A 180 19.27 -4.65 -20.57
N MET A 181 19.22 -5.68 -21.41
CA MET A 181 20.13 -6.82 -21.26
C MET A 181 21.57 -6.33 -21.37
N ASP A 182 21.83 -5.46 -22.35
CA ASP A 182 23.15 -4.91 -22.55
C ASP A 182 23.55 -4.02 -21.35
N LEU A 183 22.67 -3.12 -20.98
CA LEU A 183 22.91 -2.18 -19.88
C LEU A 183 23.29 -2.88 -18.57
N TYR A 184 22.60 -3.97 -18.24
CA TYR A 184 22.88 -4.68 -17.00
C TYR A 184 23.56 -6.02 -17.19
N ASN A 185 24.12 -6.24 -18.37
CA ASN A 185 24.83 -7.47 -18.67
C ASN A 185 24.03 -8.74 -18.41
N ILE A 186 22.71 -8.66 -18.57
CA ILE A 186 21.88 -9.84 -18.36
C ILE A 186 22.13 -10.68 -19.61
N THR A 187 22.99 -11.68 -19.46
CA THR A 187 23.37 -12.53 -20.58
C THR A 187 22.28 -13.37 -21.21
N GLU A 188 21.34 -13.87 -20.43
CA GLU A 188 20.27 -14.66 -21.02
C GLU A 188 18.89 -14.38 -20.43
N TYR A 189 17.96 -14.17 -21.34
CA TYR A 189 16.58 -13.85 -21.02
C TYR A 189 15.78 -14.47 -22.17
N ASP A 190 14.74 -15.24 -21.84
CA ASP A 190 13.93 -15.90 -22.84
C ASP A 190 12.90 -14.95 -23.45
N LYS A 191 13.34 -14.16 -24.44
CA LYS A 191 12.46 -13.20 -25.09
C LYS A 191 11.29 -13.86 -25.80
N GLU A 192 11.54 -15.00 -26.47
CA GLU A 192 10.48 -15.69 -27.18
C GLU A 192 9.36 -16.17 -26.27
N LYS A 193 9.71 -16.69 -25.10
CA LYS A 193 8.70 -17.17 -24.17
C LYS A 193 7.81 -16.03 -23.66
N GLU A 194 8.45 -14.96 -23.18
CA GLU A 194 7.69 -13.82 -22.67
C GLU A 194 6.87 -13.16 -23.76
N LEU A 195 7.44 -13.06 -24.95
CA LEU A 195 6.74 -12.45 -26.08
C LEU A 195 5.46 -13.22 -26.37
N ASN A 196 5.59 -14.54 -26.56
CA ASN A 196 4.42 -15.36 -26.85
C ASN A 196 3.38 -15.26 -25.74
N LEU A 197 3.83 -15.12 -24.49
CA LEU A 197 2.89 -14.99 -23.38
C LEU A 197 2.14 -13.66 -23.52
N PHE A 198 2.84 -12.61 -23.92
CA PHE A 198 2.20 -11.31 -24.09
C PHE A 198 1.21 -11.31 -25.24
N TYR A 199 1.37 -12.25 -26.17
CA TYR A 199 0.41 -12.33 -27.26
C TYR A 199 -0.92 -12.74 -26.64
N ASN A 200 -0.84 -13.69 -25.71
CA ASN A 200 -2.02 -14.16 -25.00
C ASN A 200 -2.62 -13.00 -24.21
N TYR A 201 -1.75 -12.21 -23.59
CA TYR A 201 -2.21 -11.07 -22.80
C TYR A 201 -2.90 -10.09 -23.75
N HIS A 202 -2.28 -9.88 -24.90
CA HIS A 202 -2.83 -9.00 -25.92
C HIS A 202 -4.26 -9.42 -26.24
N ILE A 203 -4.45 -10.70 -26.55
CA ILE A 203 -5.76 -11.24 -26.91
C ILE A 203 -6.83 -11.07 -25.84
N LYS A 204 -6.51 -11.41 -24.60
CA LYS A 204 -7.50 -11.32 -23.54
C LYS A 204 -7.68 -9.96 -22.88
N LEU A 205 -6.70 -9.07 -23.04
CA LEU A 205 -6.79 -7.76 -22.41
C LEU A 205 -6.90 -6.53 -23.31
N ARG A 206 -6.55 -6.67 -24.58
CA ARG A 206 -6.57 -5.51 -25.47
C ARG A 206 -7.79 -4.61 -25.40
N ASP A 207 -8.99 -5.18 -25.42
CA ASP A 207 -10.19 -4.36 -25.37
C ASP A 207 -10.45 -3.73 -24.00
N ARG A 208 -9.70 -4.15 -22.99
CA ARG A 208 -9.86 -3.60 -21.65
C ARG A 208 -8.82 -2.51 -21.35
N ILE A 209 -7.92 -2.30 -22.30
CA ILE A 209 -6.89 -1.28 -22.18
C ILE A 209 -7.54 -0.03 -22.78
N VAL A 210 -8.03 0.86 -21.92
CA VAL A 210 -8.74 2.04 -22.39
C VAL A 210 -8.25 3.36 -21.83
N ASP A 211 -8.97 4.42 -22.20
CA ASP A 211 -8.69 5.76 -21.74
C ASP A 211 -9.34 5.94 -20.38
N VAL A 212 -8.60 5.62 -19.33
CA VAL A 212 -9.11 5.75 -17.97
C VAL A 212 -9.38 7.21 -17.57
N ILE A 213 -8.69 8.14 -18.21
CA ILE A 213 -8.89 9.56 -17.90
C ILE A 213 -10.35 9.94 -18.18
N SER A 214 -10.81 9.65 -19.39
CA SER A 214 -12.19 9.94 -19.78
C SER A 214 -13.17 9.07 -19.01
N PHE A 215 -12.83 7.80 -18.83
CA PHE A 215 -13.69 6.91 -18.10
C PHE A 215 -13.95 7.48 -16.71
N MET A 216 -12.89 7.94 -16.06
CA MET A 216 -13.03 8.51 -14.71
C MET A 216 -13.87 9.77 -14.73
N ASN A 217 -13.58 10.70 -15.63
CA ASN A 217 -14.32 11.95 -15.71
C ASN A 217 -15.80 11.71 -16.00
N THR A 218 -16.07 10.85 -16.98
CA THR A 218 -17.44 10.53 -17.35
C THR A 218 -18.21 9.96 -16.16
N ASN A 219 -17.66 8.91 -15.55
CA ASN A 219 -18.30 8.28 -14.39
C ASN A 219 -18.48 9.23 -13.21
N LEU A 220 -17.52 10.13 -12.99
CA LEU A 220 -17.63 11.08 -11.89
C LEU A 220 -18.79 12.02 -12.19
N GLU A 221 -18.94 12.38 -13.46
CA GLU A 221 -20.02 13.25 -13.89
C GLU A 221 -21.36 12.55 -13.75
N ASN A 222 -21.34 11.22 -13.86
CA ASN A 222 -22.56 10.43 -13.73
C ASN A 222 -22.84 10.12 -12.26
N ASN A 223 -22.21 10.89 -11.37
CA ASN A 223 -22.38 10.73 -9.93
C ASN A 223 -22.03 9.33 -9.41
N LYS A 224 -21.07 8.67 -10.06
CA LYS A 224 -20.65 7.34 -9.62
C LYS A 224 -19.82 7.46 -8.34
N LYS A 225 -19.93 6.47 -7.46
CA LYS A 225 -19.17 6.49 -6.21
C LYS A 225 -17.84 5.77 -6.42
N VAL A 226 -16.74 6.50 -6.23
CA VAL A 226 -15.41 5.95 -6.44
C VAL A 226 -14.54 5.77 -5.21
N LEU A 227 -14.00 4.56 -5.07
CA LEU A 227 -13.11 4.21 -3.97
C LEU A 227 -11.69 4.14 -4.50
N ILE A 228 -10.79 4.95 -3.94
CA ILE A 228 -9.39 4.96 -4.37
C ILE A 228 -8.50 4.20 -3.39
N GLU A 229 -8.00 3.06 -3.86
CA GLU A 229 -7.16 2.17 -3.07
C GLU A 229 -5.68 2.49 -3.13
N GLY A 230 -5.12 2.93 -2.01
CA GLY A 230 -3.70 3.24 -1.99
C GLY A 230 -2.85 1.97 -1.89
N ALA A 231 -1.67 2.03 -2.47
CA ALA A 231 -0.73 0.91 -2.42
C ALA A 231 0.46 1.42 -1.60
N ASN A 232 1.14 0.50 -0.93
CA ASN A 232 2.28 0.86 -0.09
C ASN A 232 1.73 1.85 0.95
N ALA A 233 2.51 2.87 1.31
CA ALA A 233 2.07 3.83 2.32
C ALA A 233 2.92 5.09 2.38
N ALA A 234 2.44 6.09 3.12
CA ALA A 234 3.11 7.38 3.27
C ALA A 234 4.59 7.34 3.63
N MET A 235 4.97 6.55 4.62
CA MET A 235 6.37 6.51 5.02
C MET A 235 7.25 5.72 4.04
N LEU A 236 6.64 5.23 2.96
CA LEU A 236 7.38 4.52 1.90
C LEU A 236 7.36 5.39 0.64
N ASP A 237 6.76 6.58 0.75
CA ASP A 237 6.69 7.52 -0.38
C ASP A 237 8.09 7.85 -0.88
N ILE A 238 8.28 7.80 -2.19
CA ILE A 238 9.60 8.08 -2.77
C ILE A 238 10.17 9.40 -2.27
N ASP A 239 9.32 10.41 -2.15
CA ASP A 239 9.73 11.73 -1.68
C ASP A 239 9.72 11.89 -0.16
N PHE A 240 8.58 11.59 0.45
CA PHE A 240 8.38 11.79 1.88
C PHE A 240 8.73 10.67 2.85
N GLY A 241 9.00 9.48 2.34
CA GLY A 241 9.32 8.36 3.20
C GLY A 241 10.74 8.34 3.72
N THR A 242 11.12 7.22 4.35
CA THR A 242 12.46 7.04 4.90
C THR A 242 13.46 6.67 3.81
N TYR A 243 13.67 7.56 2.85
CA TYR A 243 14.59 7.34 1.73
C TYR A 243 15.98 6.95 2.24
N PRO A 244 16.65 6.01 1.56
CA PRO A 244 16.25 5.25 0.37
C PRO A 244 15.36 4.04 0.64
N TYR A 245 15.03 3.82 1.90
CA TYR A 245 14.19 2.71 2.30
C TYR A 245 12.72 3.07 2.09
N VAL A 246 12.36 3.18 0.82
CA VAL A 246 11.00 3.54 0.43
C VAL A 246 10.71 2.88 -0.90
N THR A 247 9.48 3.03 -1.39
CA THR A 247 9.14 2.47 -2.69
C THR A 247 9.40 3.62 -3.67
N SER A 248 9.35 3.35 -4.97
CA SER A 248 9.65 4.41 -5.94
C SER A 248 8.50 5.17 -6.56
N SER A 249 7.30 5.02 -6.00
CA SER A 249 6.14 5.73 -6.51
C SER A 249 5.65 6.71 -5.46
N CYS A 250 4.76 7.61 -5.86
CA CYS A 250 4.16 8.55 -4.94
C CYS A 250 3.01 7.80 -4.29
N THR A 251 3.11 7.58 -2.98
CA THR A 251 2.09 6.85 -2.26
C THR A 251 1.19 7.78 -1.48
N THR A 252 1.41 9.08 -1.64
CA THR A 252 0.62 10.07 -0.92
C THR A 252 -0.48 10.70 -1.75
N VAL A 253 -1.26 11.59 -1.13
CA VAL A 253 -2.39 12.21 -1.80
C VAL A 253 -2.15 12.84 -3.16
N GLY A 254 -0.98 13.46 -3.36
CA GLY A 254 -0.72 14.05 -4.65
C GLY A 254 -0.75 12.96 -5.72
N GLY A 255 -0.38 11.75 -5.31
CA GLY A 255 -0.35 10.61 -6.22
C GLY A 255 -1.72 10.12 -6.67
N VAL A 256 -2.76 10.44 -5.91
CA VAL A 256 -4.11 10.02 -6.28
C VAL A 256 -4.50 10.73 -7.57
N PHE A 257 -4.08 11.99 -7.69
CA PHE A 257 -4.39 12.80 -8.86
C PHE A 257 -3.48 12.49 -10.05
N SER A 258 -2.18 12.42 -9.79
CA SER A 258 -1.21 12.14 -10.85
C SER A 258 -1.24 10.69 -11.32
N GLY A 259 -1.69 9.77 -10.47
CA GLY A 259 -1.72 8.38 -10.88
C GLY A 259 -3.05 7.91 -11.45
N LEU A 260 -4.07 8.76 -11.40
CA LEU A 260 -5.40 8.38 -11.88
C LEU A 260 -5.96 9.33 -12.93
N GLY A 261 -5.43 10.54 -13.01
CA GLY A 261 -5.91 11.47 -13.99
C GLY A 261 -7.16 12.28 -13.65
N ILE A 262 -7.34 12.58 -12.36
CA ILE A 262 -8.46 13.40 -11.90
C ILE A 262 -7.85 14.53 -11.07
N HIS A 263 -8.50 15.68 -11.01
CA HIS A 263 -7.95 16.78 -10.23
C HIS A 263 -8.37 16.79 -8.77
N HIS A 264 -7.66 17.59 -7.98
CA HIS A 264 -7.88 17.69 -6.53
C HIS A 264 -9.28 18.00 -6.03
N LYS A 265 -10.08 18.69 -6.82
CA LYS A 265 -11.44 19.03 -6.39
C LYS A 265 -12.39 17.84 -6.50
N LYS A 266 -11.94 16.76 -7.14
CA LYS A 266 -12.76 15.58 -7.30
C LYS A 266 -12.70 14.69 -6.06
N LEU A 267 -11.68 14.86 -5.23
CA LEU A 267 -11.49 14.07 -4.02
C LEU A 267 -12.33 14.63 -2.88
N ASN A 268 -13.30 13.85 -2.40
CA ASN A 268 -14.16 14.31 -1.30
C ASN A 268 -13.56 14.14 0.08
N LEU A 269 -12.89 13.02 0.32
CA LEU A 269 -12.27 12.82 1.63
C LEU A 269 -11.16 11.78 1.61
N VAL A 270 -10.31 11.84 2.63
CA VAL A 270 -9.18 10.93 2.74
C VAL A 270 -9.21 10.19 4.06
N VAL A 271 -9.25 8.86 3.95
CA VAL A 271 -9.24 8.01 5.12
C VAL A 271 -7.80 7.57 5.34
N GLY A 272 -7.31 7.76 6.56
CA GLY A 272 -5.96 7.33 6.86
C GLY A 272 -6.05 5.99 7.57
N VAL A 273 -5.36 4.99 7.03
CA VAL A 273 -5.36 3.67 7.64
C VAL A 273 -4.16 3.60 8.57
N VAL A 274 -4.45 3.49 9.86
CA VAL A 274 -3.44 3.45 10.91
C VAL A 274 -3.54 2.16 11.73
N LYS A 275 -2.46 1.38 11.75
CA LYS A 275 -2.47 0.15 12.54
C LYS A 275 -2.27 0.56 14.00
N SER A 276 -2.89 -0.18 14.93
CA SER A 276 -2.78 0.11 16.37
C SER A 276 -1.35 0.06 16.88
N TYR A 277 -0.47 -0.57 16.10
CA TYR A 277 0.94 -0.68 16.41
C TYR A 277 1.66 -0.59 15.05
N LEU A 278 2.98 -0.50 15.07
CA LEU A 278 3.72 -0.37 13.82
C LEU A 278 4.41 -1.60 13.28
N THR A 279 4.50 -1.68 11.96
CA THR A 279 5.22 -2.74 11.29
C THR A 279 5.84 -2.15 10.05
N ARG A 280 6.94 -2.76 9.59
CA ARG A 280 7.57 -2.39 8.34
C ARG A 280 8.33 -3.65 7.99
N VAL A 281 8.40 -3.94 6.71
CA VAL A 281 9.11 -5.12 6.25
C VAL A 281 10.08 -4.61 5.19
N GLY A 282 11.36 -4.91 5.41
CA GLY A 282 12.42 -4.45 4.54
C GLY A 282 13.37 -3.70 5.47
N CYS A 283 14.48 -3.17 4.95
CA CYS A 283 15.42 -2.46 5.79
C CYS A 283 15.00 -1.01 6.00
N GLY A 284 15.75 -0.29 6.83
CA GLY A 284 15.45 1.10 7.09
C GLY A 284 15.20 1.42 8.54
N PRO A 285 15.16 2.71 8.91
CA PRO A 285 14.92 3.10 10.30
C PRO A 285 13.51 2.72 10.79
N PHE A 286 13.39 2.51 12.10
CA PHE A 286 12.14 2.14 12.74
C PHE A 286 12.35 2.51 14.22
N LEU A 287 12.15 3.78 14.52
CA LEU A 287 12.37 4.31 15.87
C LEU A 287 11.71 3.57 17.02
N THR A 288 10.47 3.13 16.85
CA THR A 288 9.77 2.43 17.92
C THR A 288 9.83 0.91 17.75
N GLU A 289 10.80 0.44 16.99
CA GLU A 289 10.92 -1.00 16.77
C GLU A 289 11.08 -1.78 18.07
N LEU A 290 10.39 -2.91 18.15
CA LEU A 290 10.47 -3.78 19.32
C LEU A 290 11.04 -5.12 18.84
N ASN A 291 12.35 -5.25 18.95
CA ASN A 291 13.00 -6.49 18.53
C ASN A 291 13.17 -7.34 19.78
N ASN A 292 12.05 -7.65 20.43
CA ASN A 292 12.05 -8.44 21.65
C ASN A 292 10.78 -9.29 21.71
N ASP A 293 10.44 -9.76 22.91
CA ASP A 293 9.25 -10.59 23.09
C ASP A 293 7.94 -9.87 22.82
N VAL A 294 7.88 -8.57 23.09
CA VAL A 294 6.65 -7.84 22.83
C VAL A 294 6.47 -7.79 21.32
N GLY A 295 7.57 -7.64 20.60
CA GLY A 295 7.51 -7.60 19.15
C GLY A 295 7.00 -8.94 18.63
N GLN A 296 7.48 -10.02 19.24
CA GLN A 296 7.07 -11.36 18.86
C GLN A 296 5.57 -11.56 19.09
N TYR A 297 5.08 -10.99 20.17
CA TYR A 297 3.66 -11.08 20.52
C TYR A 297 2.85 -10.42 19.41
N LEU A 298 3.26 -9.21 19.05
CA LEU A 298 2.56 -8.48 17.98
C LEU A 298 2.61 -9.25 16.66
N ARG A 299 3.78 -9.76 16.31
CA ARG A 299 3.91 -10.49 15.05
C ARG A 299 3.12 -11.79 15.01
N GLU A 300 3.10 -12.52 16.12
CA GLU A 300 2.39 -13.79 16.17
C GLU A 300 0.88 -13.64 16.32
N LYS A 301 0.43 -12.81 17.25
CA LYS A 301 -1.00 -12.60 17.42
C LYS A 301 -1.59 -11.96 16.16
N GLY A 302 -0.85 -11.03 15.57
CA GLY A 302 -1.32 -10.36 14.37
C GLY A 302 -0.79 -10.97 13.08
N HIS A 303 -0.14 -12.13 13.21
CA HIS A 303 0.46 -12.84 12.07
C HIS A 303 1.04 -11.85 11.07
N GLU A 304 2.07 -11.13 11.49
CA GLU A 304 2.69 -10.12 10.65
C GLU A 304 3.78 -10.66 9.71
N TYR A 305 3.34 -11.25 8.60
CA TYR A 305 4.23 -11.79 7.59
C TYR A 305 3.79 -11.19 6.25
N GLY A 306 4.76 -10.78 5.44
CA GLY A 306 4.47 -10.16 4.16
C GLY A 306 3.44 -10.84 3.28
N THR A 307 2.39 -10.12 2.94
CA THR A 307 1.35 -10.66 2.08
C THR A 307 1.94 -11.01 0.72
N THR A 308 2.99 -10.29 0.32
CA THR A 308 3.64 -10.51 -0.97
C THR A 308 4.87 -11.42 -0.94
N THR A 309 5.79 -11.17 0.00
CA THR A 309 7.03 -11.94 0.08
C THR A 309 7.09 -12.97 1.21
N LYS A 310 6.13 -12.92 2.13
CA LYS A 310 6.08 -13.84 3.26
C LYS A 310 7.16 -13.52 4.31
N ARG A 311 7.92 -12.45 4.09
CA ARG A 311 8.98 -12.06 5.02
C ARG A 311 8.37 -11.66 6.37
N PRO A 312 9.07 -11.96 7.48
CA PRO A 312 8.54 -11.58 8.79
C PRO A 312 8.59 -10.06 8.93
N ARG A 313 7.48 -9.46 9.36
CA ARG A 313 7.43 -8.02 9.53
C ARG A 313 8.02 -7.56 10.85
N ARG A 314 8.73 -6.44 10.82
CA ARG A 314 9.29 -5.85 12.02
C ARG A 314 8.12 -5.19 12.72
N CYS A 315 8.05 -5.34 14.03
CA CYS A 315 6.96 -4.74 14.80
C CYS A 315 7.48 -3.77 15.85
N GLY A 316 6.63 -2.81 16.21
CA GLY A 316 6.98 -1.80 17.21
C GLY A 316 5.74 -1.08 17.70
N TRP A 317 5.93 -0.11 18.59
CA TRP A 317 4.83 0.67 19.16
C TRP A 317 4.30 1.72 18.18
N LEU A 318 3.08 2.20 18.45
CA LEU A 318 2.48 3.22 17.62
C LEU A 318 3.32 4.49 17.75
N ASP A 319 3.42 5.24 16.65
CA ASP A 319 4.23 6.44 16.55
C ASP A 319 3.35 7.65 16.20
N ILE A 320 3.11 8.52 17.18
CA ILE A 320 2.28 9.70 16.95
C ILE A 320 2.98 10.77 16.09
N PRO A 321 4.25 11.06 16.37
CA PRO A 321 4.95 12.08 15.56
C PRO A 321 4.87 11.73 14.07
N MET A 322 4.99 10.45 13.74
CA MET A 322 4.91 10.00 12.35
C MET A 322 3.58 10.41 11.74
N LEU A 323 2.50 10.14 12.48
CA LEU A 323 1.16 10.45 12.01
C LEU A 323 0.89 11.94 11.84
N LEU A 324 1.50 12.77 12.67
CA LEU A 324 1.30 14.21 12.54
C LEU A 324 1.99 14.66 11.26
N TYR A 325 3.10 14.01 10.95
CA TYR A 325 3.87 14.30 9.74
C TYR A 325 3.02 13.92 8.52
N VAL A 326 2.46 12.72 8.56
CA VAL A 326 1.63 12.21 7.47
C VAL A 326 0.36 13.04 7.29
N LYS A 327 -0.19 13.52 8.40
CA LYS A 327 -1.39 14.36 8.35
C LYS A 327 -1.08 15.63 7.54
N CYS A 328 0.13 16.16 7.73
CA CYS A 328 0.56 17.35 7.01
C CYS A 328 0.61 17.06 5.51
N ILE A 329 1.14 15.89 5.16
CA ILE A 329 1.29 15.46 3.76
C ILE A 329 0.03 15.01 3.04
N ASN A 330 -0.69 14.07 3.64
CA ASN A 330 -1.90 13.51 3.04
C ASN A 330 -3.18 14.18 3.45
N SER A 331 -3.17 14.75 4.65
CA SER A 331 -4.36 15.35 5.25
C SER A 331 -5.10 14.08 5.65
N ILE A 332 -5.80 14.11 6.78
CA ILE A 332 -6.57 12.95 7.20
C ILE A 332 -7.91 13.47 7.71
N ASP A 333 -8.99 13.07 7.05
CA ASP A 333 -10.33 13.49 7.45
C ASP A 333 -10.84 12.58 8.57
N MET A 334 -10.53 11.29 8.45
CA MET A 334 -10.91 10.32 9.44
C MET A 334 -9.94 9.17 9.42
N ILE A 335 -9.83 8.48 10.56
CA ILE A 335 -8.91 7.37 10.71
C ILE A 335 -9.56 6.01 10.83
N ASN A 336 -8.90 5.01 10.26
CA ASN A 336 -9.34 3.63 10.40
C ASN A 336 -8.22 3.05 11.25
N LEU A 337 -8.50 2.89 12.54
CA LEU A 337 -7.52 2.32 13.46
C LEU A 337 -7.68 0.81 13.41
N THR A 338 -6.67 0.13 12.90
CA THR A 338 -6.75 -1.32 12.73
C THR A 338 -5.97 -2.22 13.68
N LYS A 339 -6.41 -3.48 13.71
CA LYS A 339 -5.79 -4.53 14.52
C LYS A 339 -5.71 -4.23 16.01
N LEU A 340 -6.67 -3.47 16.53
CA LEU A 340 -6.69 -3.15 17.95
C LEU A 340 -6.81 -4.45 18.74
N ASP A 341 -7.46 -5.45 18.14
CA ASP A 341 -7.66 -6.75 18.79
C ASP A 341 -6.34 -7.46 19.09
N VAL A 342 -5.31 -7.15 18.32
CA VAL A 342 -4.01 -7.79 18.53
C VAL A 342 -3.37 -7.37 19.85
N LEU A 343 -3.67 -6.16 20.30
CA LEU A 343 -3.10 -5.65 21.55
C LEU A 343 -3.72 -6.27 22.81
N SER A 344 -4.78 -7.05 22.63
CA SER A 344 -5.42 -7.72 23.77
C SER A 344 -4.42 -8.67 24.42
N GLY A 345 -4.31 -8.60 25.74
CA GLY A 345 -3.40 -9.48 26.44
C GLY A 345 -2.13 -8.83 26.93
N LEU A 346 -1.71 -7.72 26.32
CA LEU A 346 -0.51 -7.01 26.77
C LEU A 346 -0.87 -6.30 28.07
N GLU A 347 -0.01 -6.39 29.07
CA GLU A 347 -0.29 -5.76 30.35
C GLU A 347 -0.21 -4.24 30.21
N GLU A 348 0.68 -3.77 29.33
CA GLU A 348 0.83 -2.34 29.09
C GLU A 348 1.09 -2.07 27.61
N ILE A 349 0.61 -0.92 27.13
CA ILE A 349 0.80 -0.51 25.75
C ILE A 349 1.49 0.84 25.78
N LEU A 350 2.56 0.99 25.00
CA LEU A 350 3.28 2.25 24.97
C LEU A 350 2.97 3.01 23.68
N LEU A 351 2.64 4.29 23.83
CA LEU A 351 2.34 5.14 22.69
C LEU A 351 3.50 6.12 22.61
N CYS A 352 4.15 6.20 21.46
CA CYS A 352 5.26 7.13 21.31
C CYS A 352 4.64 8.48 20.97
N VAL A 353 4.73 9.41 21.92
CA VAL A 353 4.14 10.72 21.73
C VAL A 353 5.15 11.82 21.37
N ASN A 354 6.43 11.49 21.42
CA ASN A 354 7.48 12.45 21.12
C ASN A 354 8.82 11.75 20.89
N PHE A 355 9.76 12.50 20.33
CA PHE A 355 11.09 12.01 20.10
C PHE A 355 12.03 13.03 20.70
N LYS A 356 13.01 12.54 21.45
CA LYS A 356 13.99 13.41 22.10
C LYS A 356 15.36 13.13 21.49
N ASN A 357 16.10 14.19 21.18
CA ASN A 357 17.42 14.03 20.60
C ASN A 357 18.38 13.58 21.70
N LYS A 358 18.98 12.41 21.53
CA LYS A 358 19.91 11.88 22.53
C LYS A 358 21.16 12.71 22.72
N LYS A 359 21.58 13.41 21.66
CA LYS A 359 22.78 14.24 21.75
C LYS A 359 22.55 15.62 22.37
N THR A 360 21.55 16.34 21.88
CA THR A 360 21.25 17.69 22.38
C THR A 360 20.24 17.73 23.51
N GLY A 361 19.42 16.70 23.63
CA GLY A 361 18.40 16.67 24.68
C GLY A 361 17.15 17.43 24.29
N GLU A 362 17.12 17.95 23.07
CA GLU A 362 15.97 18.71 22.59
C GLU A 362 14.92 17.80 21.98
N LEU A 363 13.66 18.21 22.07
CA LEU A 363 12.55 17.45 21.51
C LEU A 363 12.34 17.78 20.04
N LEU A 364 11.95 16.76 19.27
CA LEU A 364 11.69 16.93 17.85
C LEU A 364 10.44 17.81 17.68
N GLU A 365 10.54 18.79 16.79
CA GLU A 365 9.42 19.69 16.52
C GLU A 365 8.22 18.90 16.00
N LYS A 366 7.03 19.23 16.49
CA LYS A 366 5.82 18.54 16.05
C LYS A 366 5.59 18.74 14.56
N GLY A 367 5.26 17.67 13.86
CA GLY A 367 5.02 17.75 12.43
C GLY A 367 6.28 17.38 11.66
N CYS A 368 7.42 17.38 12.35
CA CYS A 368 8.68 17.02 11.72
C CYS A 368 8.93 15.54 11.95
N TYR A 369 9.70 14.92 11.07
CA TYR A 369 10.03 13.52 11.25
C TYR A 369 11.41 13.22 10.69
N PRO A 370 12.29 12.62 11.50
CA PRO A 370 13.64 12.28 11.06
C PRO A 370 13.59 11.08 10.13
N VAL A 371 13.36 11.35 8.84
CA VAL A 371 13.27 10.29 7.85
C VAL A 371 14.62 9.71 7.45
N GLU A 372 15.66 10.53 7.54
CA GLU A 372 17.00 10.09 7.19
C GLU A 372 17.60 9.20 8.26
N GLU A 373 18.09 8.04 7.84
CA GLU A 373 18.70 7.04 8.70
C GLU A 373 19.69 7.62 9.73
N GLU A 374 20.61 8.46 9.26
CA GLU A 374 21.61 9.04 10.16
C GLU A 374 21.03 10.08 11.12
N ILE A 375 19.91 10.70 10.77
CA ILE A 375 19.30 11.67 11.68
C ILE A 375 18.39 10.94 12.66
N SER A 376 17.70 9.90 12.18
CA SER A 376 16.81 9.12 13.02
C SER A 376 17.59 8.54 14.20
N GLU A 377 18.79 8.05 13.91
CA GLU A 377 19.68 7.45 14.90
C GLU A 377 19.87 8.33 16.15
N GLU A 378 19.78 9.64 15.99
CA GLU A 378 19.97 10.56 17.11
C GLU A 378 18.75 10.70 18.02
N TYR A 379 17.62 10.13 17.61
CA TYR A 379 16.42 10.25 18.42
C TYR A 379 16.02 9.06 19.26
N GLU A 380 15.42 9.39 20.39
CA GLU A 380 14.97 8.46 21.38
C GLU A 380 13.46 8.67 21.56
N PRO A 381 12.67 7.58 21.50
CA PRO A 381 11.23 7.80 21.68
C PRO A 381 10.79 8.10 23.10
N VAL A 382 9.80 8.98 23.21
CA VAL A 382 9.22 9.36 24.50
C VAL A 382 7.85 8.69 24.53
N TYR A 383 7.67 7.78 25.48
CA TYR A 383 6.43 7.02 25.58
C TYR A 383 5.43 7.42 26.66
N GLU A 384 4.16 7.21 26.34
CA GLU A 384 3.10 7.47 27.29
C GLU A 384 2.59 6.06 27.57
N LYS A 385 2.48 5.73 28.85
CA LYS A 385 2.05 4.40 29.26
C LYS A 385 0.52 4.28 29.26
N PHE A 386 0.03 3.18 28.69
CA PHE A 386 -1.41 2.90 28.67
C PHE A 386 -1.66 1.52 29.22
N SER A 387 -2.57 1.41 30.18
CA SER A 387 -2.91 0.13 30.76
C SER A 387 -3.58 -0.74 29.70
N GLY A 388 -3.25 -2.02 29.68
CA GLY A 388 -3.83 -2.92 28.70
C GLY A 388 -5.15 -3.54 29.13
N TRP A 389 -5.66 -4.43 28.29
CA TRP A 389 -6.92 -5.12 28.55
C TRP A 389 -6.77 -6.58 28.12
N LYS A 390 -7.35 -7.49 28.90
CA LYS A 390 -7.24 -8.91 28.60
C LYS A 390 -8.37 -9.51 27.77
N GLU A 391 -9.47 -8.77 27.63
CA GLU A 391 -10.60 -9.29 26.87
C GLU A 391 -10.33 -9.47 25.38
N ASP A 392 -10.99 -10.47 24.80
CA ASP A 392 -10.90 -10.75 23.37
C ASP A 392 -11.94 -9.80 22.81
N ILE A 393 -11.51 -8.78 22.07
CA ILE A 393 -12.45 -7.81 21.52
C ILE A 393 -12.89 -8.07 20.09
N SER A 394 -12.49 -9.22 19.53
CA SER A 394 -12.86 -9.55 18.15
C SER A 394 -14.36 -9.80 18.04
N THR A 395 -15.04 -9.83 19.18
CA THR A 395 -16.49 -10.05 19.25
C THR A 395 -17.25 -8.74 19.45
N CYS A 396 -16.53 -7.69 19.82
CA CYS A 396 -17.16 -6.39 20.06
C CYS A 396 -17.76 -5.82 18.77
N ASN A 397 -19.00 -5.37 18.87
CA ASN A 397 -19.72 -4.80 17.72
C ASN A 397 -19.89 -3.31 17.81
N GLU A 398 -19.82 -2.77 19.03
CA GLU A 398 -19.99 -1.34 19.23
C GLU A 398 -18.83 -0.76 20.03
N PHE A 399 -18.60 0.53 19.85
CA PHE A 399 -17.52 1.21 20.56
C PHE A 399 -17.69 1.13 22.07
N ASP A 400 -18.92 1.29 22.54
CA ASP A 400 -19.19 1.25 23.97
C ASP A 400 -18.98 -0.13 24.58
N GLU A 401 -19.00 -1.16 23.74
CA GLU A 401 -18.80 -2.53 24.20
C GLU A 401 -17.33 -2.84 24.51
N LEU A 402 -16.43 -2.02 24.00
CA LEU A 402 -15.00 -2.23 24.22
C LEU A 402 -14.59 -1.93 25.66
N PRO A 403 -13.62 -2.67 26.20
CA PRO A 403 -13.21 -2.39 27.57
C PRO A 403 -12.67 -0.96 27.67
N GLU A 404 -12.83 -0.35 28.83
CA GLU A 404 -12.40 1.02 29.07
C GLU A 404 -10.99 1.38 28.63
N ASN A 405 -10.02 0.53 28.96
CA ASN A 405 -8.63 0.80 28.60
C ASN A 405 -8.43 0.89 27.09
N ALA A 406 -9.27 0.22 26.33
CA ALA A 406 -9.17 0.27 24.87
C ALA A 406 -9.70 1.63 24.44
N LYS A 407 -10.79 2.05 25.06
CA LYS A 407 -11.40 3.34 24.76
C LYS A 407 -10.40 4.47 24.98
N LYS A 408 -9.71 4.43 26.10
CA LYS A 408 -8.73 5.47 26.43
C LYS A 408 -7.64 5.53 25.37
N TYR A 409 -7.19 4.37 24.92
CA TYR A 409 -6.14 4.30 23.90
C TYR A 409 -6.66 4.98 22.64
N ILE A 410 -7.84 4.55 22.20
CA ILE A 410 -8.47 5.11 21.00
C ILE A 410 -8.68 6.61 21.14
N LEU A 411 -9.27 7.02 22.26
CA LEU A 411 -9.54 8.43 22.49
C LEU A 411 -8.25 9.25 22.55
N ALA A 412 -7.23 8.70 23.19
CA ALA A 412 -5.95 9.39 23.30
C ALA A 412 -5.40 9.65 21.91
N ILE A 413 -5.51 8.67 21.03
CA ILE A 413 -5.02 8.82 19.66
C ILE A 413 -5.77 9.93 18.93
N GLU A 414 -7.10 9.90 18.98
CA GLU A 414 -7.92 10.93 18.34
C GLU A 414 -7.51 12.32 18.81
N LYS A 415 -7.33 12.45 20.12
CA LYS A 415 -6.95 13.73 20.72
C LYS A 415 -5.62 14.25 20.19
N TYR A 416 -4.60 13.42 20.20
CA TYR A 416 -3.28 13.85 19.73
C TYR A 416 -3.24 14.21 18.25
N LEU A 417 -4.02 13.51 17.45
CA LEU A 417 -4.03 13.77 16.00
C LEU A 417 -5.11 14.75 15.60
N LYS A 418 -5.99 15.09 16.54
CA LYS A 418 -7.09 16.02 16.26
C LYS A 418 -7.83 15.49 15.05
N THR A 419 -8.02 14.18 15.02
CA THR A 419 -8.69 13.52 13.91
C THR A 419 -9.57 12.42 14.46
N PRO A 420 -10.81 12.30 13.96
CA PRO A 420 -11.71 11.28 14.44
C PRO A 420 -11.42 9.86 13.94
N ILE A 421 -11.52 8.91 14.84
CA ILE A 421 -11.32 7.51 14.50
C ILE A 421 -12.73 6.99 14.25
N VAL A 422 -13.01 6.68 12.98
CA VAL A 422 -14.32 6.23 12.58
C VAL A 422 -14.49 4.71 12.55
N TRP A 423 -13.51 4.02 11.98
CA TRP A 423 -13.58 2.57 11.90
C TRP A 423 -12.51 1.91 12.76
N ILE A 424 -12.94 1.03 13.66
CA ILE A 424 -12.03 0.30 14.53
C ILE A 424 -11.99 -1.14 14.03
N GLY A 425 -10.79 -1.65 13.78
CA GLY A 425 -10.67 -3.02 13.32
C GLY A 425 -10.37 -3.95 14.48
N VAL A 426 -11.14 -5.01 14.60
CA VAL A 426 -10.95 -5.97 15.69
C VAL A 426 -10.85 -7.40 15.17
N GLY A 427 -10.50 -7.54 13.90
CA GLY A 427 -10.36 -8.85 13.29
C GLY A 427 -10.10 -8.70 11.80
N PRO A 428 -9.50 -9.69 11.15
CA PRO A 428 -9.20 -9.62 9.71
C PRO A 428 -10.42 -9.69 8.78
N ASN A 429 -11.53 -10.20 9.28
CA ASN A 429 -12.74 -10.33 8.46
C ASN A 429 -13.45 -9.02 8.21
N ARG A 430 -14.18 -8.99 7.09
CA ARG A 430 -14.95 -7.82 6.68
C ARG A 430 -15.88 -7.34 7.80
N LYS A 431 -16.45 -8.28 8.52
CA LYS A 431 -17.38 -7.97 9.61
C LYS A 431 -16.70 -7.42 10.86
N ASN A 432 -15.44 -7.81 11.07
CA ASN A 432 -14.72 -7.38 12.26
C ASN A 432 -14.35 -5.90 12.25
N MET A 433 -15.35 -5.05 12.14
CA MET A 433 -15.12 -3.61 12.12
C MET A 433 -16.16 -2.88 12.95
N ILE A 434 -15.69 -2.03 13.85
CA ILE A 434 -16.55 -1.23 14.71
C ILE A 434 -16.66 0.16 14.14
N VAL A 435 -17.89 0.66 14.01
CA VAL A 435 -18.08 2.00 13.50
C VAL A 435 -18.37 2.93 14.67
N LYS A 436 -17.55 3.96 14.80
CA LYS A 436 -17.67 4.94 15.86
C LYS A 436 -18.48 6.12 15.32
N LYS A 437 -19.81 6.03 15.46
CA LYS A 437 -20.73 7.07 14.98
C LYS A 437 -20.27 8.46 15.38
MG MG B . 0.13 -5.30 2.43
N NO3 C . 12.27 -14.73 -18.77
O1 NO3 C . 13.49 -15.56 -18.77
O2 NO3 C . 11.42 -14.79 -20.00
O3 NO3 C . 11.20 -15.04 -17.59
P IMO D . 1.12 -2.63 0.67
O1 IMO D . 0.88 -4.11 0.71
C2 IMO D . 4.73 -3.12 3.05
C1' IMO D . 8.52 -1.99 1.06
C2' IMO D . 9.47 -3.12 0.72
C3' IMO D . 10.80 -2.36 0.82
C4' IMO D . 10.45 -1.01 0.20
C5' IMO D . 10.79 -0.90 -1.28
O2 IMO D . 0.30 -2.01 -0.45
O3 IMO D . 0.84 -1.96 2.03
PA IMO D . 9.76 -2.10 -3.48
O1A IMO D . 9.50 -3.53 -3.87
O2A IMO D . 10.81 -1.40 -4.33
O3A IMO D . 8.47 -1.31 -3.44
O5' IMO D . 10.40 -2.12 -1.98
O4' IMO D . 9.03 -0.85 0.39
N9 IMO D . 7.13 -2.11 0.60
C4 IMO D . 6.04 -2.46 1.33
N3 IMO D . 5.99 -2.82 2.66
N1 IMO D . 3.59 -3.08 2.30
C6 IMO D . 3.68 -2.69 0.98
O6 IMO D . 2.70 -2.39 0.29
C5 IMO D . 4.95 -2.40 0.45
N7 IMO D . 5.38 -2.01 -0.82
C8 IMO D . 6.66 -1.85 -0.69
O2' IMO D . 9.39 -4.15 1.69
O3' IMO D . 11.21 -2.12 2.17
NA HDA E . 3.99 -6.60 2.05
C HDA E . 2.93 -6.70 1.25
O HDA E . 1.73 -6.83 1.75
OB HDA E . 3.83 -6.63 3.35
CB HDA E . 5.18 -6.55 1.55
CG HDA E . 5.92 -7.87 1.46
OD1 HDA E . 7.16 -7.87 1.43
OD2 HDA E . 5.22 -8.91 1.43
PB GDP F . -2.75 -3.94 3.41
O1B GDP F . -4.00 -4.50 2.75
O2B GDP F . -1.57 -3.81 2.50
O3B GDP F . -3.03 -2.61 4.09
O3A GDP F . -2.35 -4.96 4.63
PA GDP F . -2.10 -6.57 4.59
O1A GDP F . -3.36 -7.18 4.08
O2A GDP F . -0.88 -6.76 3.77
O5' GDP F . -1.76 -7.13 6.04
C5' GDP F . -2.57 -6.88 7.15
C4' GDP F . -3.03 -8.19 7.76
O4' GDP F . -3.84 -7.92 8.92
C3' GDP F . -3.88 -9.07 6.84
O3' GDP F . -3.45 -10.42 6.98
C2' GDP F . -5.31 -8.80 7.31
O2' GDP F . -6.22 -9.85 7.04
C1' GDP F . -5.11 -8.55 8.80
N9 GDP F . -6.02 -7.59 9.45
C8 GDP F . -6.64 -6.47 8.90
N7 GDP F . -7.38 -5.83 9.77
C5 GDP F . -7.25 -6.56 10.95
C6 GDP F . -7.82 -6.35 12.25
O6 GDP F . -8.57 -5.44 12.62
N1 GDP F . -7.42 -7.35 13.18
C2 GDP F . -6.58 -8.42 12.89
N2 GDP F . -6.31 -9.27 13.89
N3 GDP F . -6.04 -8.61 11.67
C4 GDP F . -6.42 -7.65 10.76
#